data_4HPY
#
_entry.id   4HPY
#
_cell.length_a   41.888
_cell.length_b   79.150
_cell.length_c   127.112
_cell.angle_alpha   90.00
_cell.angle_beta   90.00
_cell.angle_gamma   90.00
#
_symmetry.space_group_name_H-M   'P 21 21 21'
#
loop_
_entity.id
_entity.type
_entity.pdbx_description
1 polymer 'CH59 Fab heavy chain'
2 polymer 'CH59 Fab light chain'
3 polymer 'Envelope glycoprotein gp160'
4 non-polymer GLYCEROL
5 water water
#
loop_
_entity_poly.entity_id
_entity_poly.type
_entity_poly.pdbx_seq_one_letter_code
_entity_poly.pdbx_strand_id
1 'polypeptide(L)'
;EVQLVESGGGLVQPGRSLRLSCAASGFTFDDGAMHWVRQAPGKGLEWVSGISWNSNIIAYADSVKGRFTISRDNAKNSLY
LEMNSLRVEDTALYYCAKDSPRGELPLNYWGQGTLVTVSSASTKGPSVFPLAPSSKSTSGGTAALGCLVKDYFPEPVTVS
WNSGALTSGVHTFPAVLQSSGLYSLSSVVTVPSSSLGTQTYICNVNHKPSNTKVDKRVEPKSCDK
;
H
2 'polypeptide(L)'
;DSYELTQPPSVSVSPGQTARITCSGDALPKNYAYWYQQKSGQAPVLVIYEDSKRPSGIPERFSGSSSGTMATLTISGAQV
EDEADYYCYSTDSSGNHRVFGGGTKLTVLGQPKAAPSVTLFPPSSEELQANKATLVCLISDFYPGAVTVAWKADSSPVKA
GVETTTPSKQSNNKYAASSYLSLTPEQWKSHRSYSCQVTHEGSTVEKTVAPTECS
;
L
3 'polypeptide(L)' ELRDKKQKVHALFYKLDIV P
#
loop_
_chem_comp.id
_chem_comp.type
_chem_comp.name
_chem_comp.formula
GOL non-polymer GLYCEROL 'C3 H8 O3'
#
# COMPACT_ATOMS: atom_id res chain seq x y z
N VAL A 2 18.18 -22.86 -5.92
CA VAL A 2 18.59 -21.53 -5.48
C VAL A 2 17.54 -20.88 -4.57
N GLN A 3 17.99 -20.35 -3.44
CA GLN A 3 17.07 -19.79 -2.45
C GLN A 3 17.70 -18.68 -1.61
N LEU A 4 16.92 -17.63 -1.36
CA LEU A 4 17.28 -16.59 -0.41
C LEU A 4 16.21 -16.56 0.68
N VAL A 5 16.64 -16.61 1.93
CA VAL A 5 15.70 -16.59 3.05
C VAL A 5 16.07 -15.56 4.11
N GLU A 6 15.21 -14.55 4.27
CA GLU A 6 15.45 -13.47 5.23
C GLU A 6 14.94 -13.79 6.63
N SER A 7 15.55 -13.15 7.61
CA SER A 7 15.12 -13.26 9.00
C SER A 7 15.56 -12.04 9.78
N GLY A 8 15.10 -11.93 11.02
CA GLY A 8 15.57 -10.87 11.90
C GLY A 8 14.61 -9.70 12.07
N GLY A 9 13.57 -9.65 11.24
CA GLY A 9 12.57 -8.60 11.36
C GLY A 9 11.77 -8.74 12.65
N GLY A 10 11.24 -7.63 13.14
CA GLY A 10 10.45 -7.65 14.36
C GLY A 10 9.85 -6.30 14.67
N LEU A 11 9.24 -6.23 15.84
CA LEU A 11 8.62 -5.01 16.34
C LEU A 11 9.58 -4.30 17.28
N VAL A 12 9.89 -3.04 16.99
CA VAL A 12 10.71 -2.22 17.88
C VAL A 12 10.17 -0.81 17.98
N GLN A 13 10.59 -0.10 19.02
CA GLN A 13 10.24 1.30 19.20
C GLN A 13 11.21 2.17 18.41
N PRO A 14 10.77 3.38 18.02
CA PRO A 14 11.69 4.29 17.31
C PRO A 14 12.96 4.55 18.12
N GLY A 15 14.09 4.60 17.42
CA GLY A 15 15.37 4.85 18.08
C GLY A 15 16.12 3.57 18.40
N ARG A 16 15.45 2.44 18.32
CA ARG A 16 16.07 1.16 18.65
C ARG A 16 16.71 0.52 17.41
N SER A 17 17.20 -0.70 17.59
CA SER A 17 17.97 -1.37 16.54
C SER A 17 17.46 -2.77 16.22
N LEU A 18 17.74 -3.21 15.00
CA LEU A 18 17.49 -4.58 14.57
C LEU A 18 18.63 -5.00 13.66
N ARG A 19 18.84 -6.31 13.55
CA ARG A 19 19.80 -6.84 12.57
C ARG A 19 19.11 -7.89 11.71
N LEU A 20 18.95 -7.59 10.42
CA LEU A 20 18.38 -8.53 9.48
C LEU A 20 19.46 -9.45 8.92
N SER A 21 19.08 -10.68 8.63
CA SER A 21 19.99 -11.62 7.99
C SER A 21 19.31 -12.21 6.77
N CYS A 22 20.12 -12.66 5.82
CA CYS A 22 19.65 -13.33 4.63
C CYS A 22 20.58 -14.51 4.36
N ALA A 23 20.03 -15.71 4.38
CA ALA A 23 20.82 -16.90 4.10
C ALA A 23 20.62 -17.33 2.65
N ALA A 24 21.72 -17.50 1.93
CA ALA A 24 21.66 -17.90 0.54
C ALA A 24 22.02 -19.37 0.38
N SER A 25 21.29 -20.06 -0.49
CA SER A 25 21.57 -21.46 -0.75
C SER A 25 21.57 -21.73 -2.24
N GLY A 26 22.47 -22.62 -2.68
CA GLY A 26 22.46 -23.08 -4.06
C GLY A 26 23.19 -22.21 -5.06
N PHE A 27 23.89 -21.18 -4.59
CA PHE A 27 24.65 -20.30 -5.46
C PHE A 27 26.11 -20.72 -5.54
N THR A 28 26.69 -20.65 -6.74
CA THR A 28 28.14 -20.78 -6.88
C THR A 28 28.78 -19.43 -6.54
N PHE A 29 30.10 -19.38 -6.50
CA PHE A 29 30.82 -18.20 -6.03
C PHE A 29 31.12 -17.20 -7.16
N ASP A 30 30.09 -16.47 -7.60
CA ASP A 30 30.26 -15.49 -8.69
C ASP A 30 30.37 -14.07 -8.16
N ASP A 31 30.38 -13.09 -9.05
CA ASP A 31 30.60 -11.71 -8.65
C ASP A 31 29.32 -10.90 -8.41
N GLY A 32 28.17 -11.57 -8.38
CA GLY A 32 26.90 -10.90 -8.21
C GLY A 32 26.80 -10.08 -6.93
N ALA A 33 26.41 -8.83 -7.05
CA ALA A 33 26.17 -7.98 -5.90
C ALA A 33 24.88 -8.39 -5.20
N MET A 34 24.80 -8.16 -3.90
CA MET A 34 23.57 -8.45 -3.16
C MET A 34 22.98 -7.16 -2.61
N HIS A 35 21.67 -7.16 -2.40
CA HIS A 35 20.94 -5.93 -2.11
C HIS A 35 19.83 -6.15 -1.11
N TRP A 36 19.46 -5.08 -0.42
CA TRP A 36 18.24 -5.04 0.37
C TRP A 36 17.29 -4.06 -0.29
N VAL A 37 16.04 -4.50 -0.45
CA VAL A 37 14.98 -3.70 -1.06
C VAL A 37 13.78 -3.81 -0.14
N ARG A 38 13.13 -2.69 0.17
CA ARG A 38 12.00 -2.73 1.09
C ARG A 38 10.69 -2.24 0.46
N GLN A 39 9.59 -2.61 1.09
CA GLN A 39 8.28 -2.25 0.57
C GLN A 39 7.30 -2.10 1.72
N ALA A 40 6.80 -0.88 1.91
CA ALA A 40 5.80 -0.62 2.93
C ALA A 40 4.46 -1.20 2.46
N PRO A 41 3.59 -1.60 3.41
CA PRO A 41 2.31 -2.21 3.05
C PRO A 41 1.49 -1.39 2.06
N GLY A 42 1.18 -1.97 0.92
CA GLY A 42 0.38 -1.30 -0.09
C GLY A 42 1.13 -0.28 -0.92
N LYS A 43 2.43 -0.15 -0.70
CA LYS A 43 3.24 0.87 -1.37
C LYS A 43 4.31 0.27 -2.27
N GLY A 44 5.19 1.12 -2.80
CA GLY A 44 6.13 0.72 -3.81
C GLY A 44 7.44 0.15 -3.29
N LEU A 45 8.29 -0.28 -4.21
CA LEU A 45 9.61 -0.81 -3.89
C LEU A 45 10.60 0.33 -3.68
N GLU A 46 11.53 0.13 -2.76
CA GLU A 46 12.60 1.09 -2.52
C GLU A 46 13.91 0.36 -2.27
N TRP A 47 14.92 0.66 -3.10
CA TRP A 47 16.25 0.10 -2.91
C TRP A 47 16.87 0.72 -1.65
N VAL A 48 17.42 -0.11 -0.77
CA VAL A 48 17.93 0.33 0.52
C VAL A 48 19.46 0.35 0.59
N SER A 49 20.07 -0.74 0.16
CA SER A 49 21.52 -0.88 0.30
C SER A 49 22.01 -2.01 -0.59
N GLY A 50 23.28 -1.96 -0.96
CA GLY A 50 23.88 -3.00 -1.76
C GLY A 50 25.36 -3.19 -1.44
N ILE A 51 25.88 -4.35 -1.78
CA ILE A 51 27.25 -4.71 -1.44
C ILE A 51 27.85 -5.64 -2.51
N SER A 52 29.08 -5.35 -2.93
CA SER A 52 29.74 -6.16 -3.95
C SER A 52 30.13 -7.55 -3.43
N TRP A 53 30.53 -8.43 -4.34
CA TRP A 53 30.81 -9.82 -3.99
C TRP A 53 31.90 -9.96 -2.93
N ASN A 54 32.87 -9.06 -2.95
CA ASN A 54 33.99 -9.11 -2.02
C ASN A 54 33.88 -8.05 -0.92
N SER A 55 32.70 -7.44 -0.83
CA SER A 55 32.38 -6.41 0.16
C SER A 55 33.19 -5.12 0.01
N ASN A 56 33.96 -5.00 -1.07
CA ASN A 56 34.79 -3.82 -1.30
C ASN A 56 33.99 -2.56 -1.64
N ILE A 57 32.78 -2.75 -2.17
CA ILE A 57 31.95 -1.63 -2.58
C ILE A 57 30.58 -1.72 -1.91
N ILE A 58 30.19 -0.65 -1.24
CA ILE A 58 28.96 -0.58 -0.48
C ILE A 58 28.24 0.74 -0.77
N ALA A 59 26.92 0.71 -0.85
CA ALA A 59 26.15 1.93 -1.04
C ALA A 59 24.83 1.90 -0.29
N TYR A 60 24.27 3.08 -0.04
CA TYR A 60 23.03 3.22 0.72
C TYR A 60 22.11 4.23 0.09
N ALA A 61 20.81 4.03 0.23
CA ALA A 61 19.84 5.07 -0.11
C ALA A 61 20.06 6.27 0.80
N ASP A 62 19.82 7.47 0.27
CA ASP A 62 19.96 8.69 1.04
C ASP A 62 19.17 8.65 2.35
N SER A 63 18.00 8.01 2.30
CA SER A 63 17.10 7.95 3.43
C SER A 63 17.62 7.14 4.61
N VAL A 64 18.61 6.28 4.37
CA VAL A 64 19.12 5.43 5.44
C VAL A 64 20.60 5.61 5.72
N LYS A 65 21.26 6.47 4.94
CA LYS A 65 22.68 6.70 5.13
C LYS A 65 22.97 7.22 6.54
N GLY A 66 23.96 6.63 7.19
CA GLY A 66 24.32 7.01 8.54
C GLY A 66 23.57 6.25 9.61
N ARG A 67 22.60 5.44 9.20
CA ARG A 67 21.81 4.66 10.16
C ARG A 67 21.88 3.16 9.92
N PHE A 68 21.99 2.76 8.65
CA PHE A 68 22.02 1.34 8.29
C PHE A 68 23.43 0.93 7.88
N THR A 69 23.79 -0.32 8.16
CA THR A 69 25.09 -0.83 7.78
C THR A 69 24.94 -2.22 7.16
N ILE A 70 25.42 -2.37 5.93
CA ILE A 70 25.34 -3.65 5.24
C ILE A 70 26.67 -4.39 5.35
N SER A 71 26.59 -5.71 5.43
CA SER A 71 27.78 -6.55 5.46
C SER A 71 27.45 -7.93 4.92
N ARG A 72 28.49 -8.70 4.65
CA ARG A 72 28.34 -9.94 3.89
C ARG A 72 29.48 -10.86 4.25
N ASP A 73 29.14 -12.08 4.67
CA ASP A 73 30.16 -13.09 4.94
C ASP A 73 29.90 -14.32 4.09
N ASN A 74 30.62 -14.41 2.98
CA ASN A 74 30.41 -15.49 2.03
C ASN A 74 30.68 -16.87 2.62
N ALA A 75 31.52 -16.95 3.63
CA ALA A 75 31.83 -18.22 4.27
C ALA A 75 30.63 -18.82 4.98
N LYS A 76 29.71 -17.96 5.41
CA LYS A 76 28.47 -18.40 6.04
C LYS A 76 27.28 -18.22 5.11
N ASN A 77 27.55 -17.92 3.84
CA ASN A 77 26.50 -17.67 2.85
C ASN A 77 25.43 -16.69 3.34
N SER A 78 25.87 -15.66 4.07
CA SER A 78 24.94 -14.75 4.70
C SER A 78 25.15 -13.30 4.31
N LEU A 79 24.05 -12.56 4.29
CA LEU A 79 24.03 -11.13 4.07
C LEU A 79 23.34 -10.51 5.28
N TYR A 80 23.82 -9.36 5.74
CA TYR A 80 23.25 -8.72 6.93
C TYR A 80 22.89 -7.27 6.68
N LEU A 81 21.92 -6.78 7.46
CA LEU A 81 21.62 -5.35 7.49
C LEU A 81 21.43 -4.94 8.94
N GLU A 82 22.37 -4.17 9.46
CA GLU A 82 22.26 -3.62 10.80
C GLU A 82 21.50 -2.31 10.71
N MET A 83 20.36 -2.24 11.38
CA MET A 83 19.53 -1.04 11.29
C MET A 83 19.49 -0.34 12.64
N ASN A 84 20.15 0.80 12.73
CA ASN A 84 20.16 1.57 13.96
C ASN A 84 19.32 2.84 13.82
N SER A 85 18.98 3.44 14.96
CA SER A 85 18.20 4.68 14.99
C SER A 85 16.95 4.55 14.12
N LEU A 86 16.22 3.47 14.32
CA LEU A 86 15.06 3.16 13.48
C LEU A 86 13.96 4.22 13.61
N ARG A 87 13.28 4.46 12.50
CA ARG A 87 12.21 5.45 12.44
C ARG A 87 10.92 4.75 12.03
N VAL A 88 9.78 5.33 12.38
CA VAL A 88 8.50 4.77 12.00
C VAL A 88 8.42 4.49 10.49
N GLU A 89 8.94 5.41 9.69
CA GLU A 89 8.90 5.25 8.23
C GLU A 89 9.86 4.19 7.67
N ASP A 90 10.63 3.54 8.55
CA ASP A 90 11.43 2.37 8.15
C ASP A 90 10.58 1.10 8.15
N THR A 91 9.35 1.20 8.61
CA THR A 91 8.44 0.06 8.66
C THR A 91 8.18 -0.45 7.25
N ALA A 92 8.46 -1.73 7.02
CA ALA A 92 8.32 -2.31 5.69
C ALA A 92 8.65 -3.79 5.70
N LEU A 93 8.28 -4.46 4.62
CA LEU A 93 8.80 -5.80 4.35
C LEU A 93 10.16 -5.62 3.69
N TYR A 94 11.18 -6.27 4.24
CA TYR A 94 12.54 -6.15 3.70
C TYR A 94 12.95 -7.40 2.94
N TYR A 95 13.25 -7.22 1.66
CA TYR A 95 13.70 -8.30 0.80
C TYR A 95 15.19 -8.27 0.61
N CYS A 96 15.78 -9.46 0.58
CA CYS A 96 17.15 -9.54 0.09
CA CYS A 96 17.16 -9.68 0.15
C CYS A 96 17.11 -10.05 -1.34
N ALA A 97 18.06 -9.56 -2.13
CA ALA A 97 18.06 -9.88 -3.54
C ALA A 97 19.48 -10.01 -4.06
N LYS A 98 19.64 -10.72 -5.17
CA LYS A 98 20.96 -10.92 -5.75
C LYS A 98 20.94 -10.71 -7.25
N ASP A 99 22.02 -10.10 -7.76
CA ASP A 99 22.20 -9.91 -9.19
C ASP A 99 22.75 -11.17 -9.85
N SER A 100 22.50 -11.32 -11.15
CA SER A 100 23.25 -12.27 -11.95
C SER A 100 24.68 -11.73 -12.14
N PRO A 101 25.61 -12.56 -12.62
CA PRO A 101 26.99 -12.08 -12.77
C PRO A 101 27.12 -10.79 -13.60
N ARG A 102 28.03 -9.92 -13.17
CA ARG A 102 28.32 -8.65 -13.82
C ARG A 102 27.15 -7.66 -13.79
N GLY A 103 26.11 -8.01 -13.04
CA GLY A 103 24.96 -7.13 -12.89
C GLY A 103 24.09 -7.05 -14.14
N GLU A 104 24.24 -8.03 -15.03
CA GLU A 104 23.47 -8.06 -16.27
C GLU A 104 21.97 -8.14 -15.99
N LEU A 105 21.58 -9.05 -15.10
CA LEU A 105 20.20 -9.12 -14.63
C LEU A 105 20.20 -8.67 -13.18
N PRO A 106 19.94 -7.39 -12.94
CA PRO A 106 19.95 -6.89 -11.56
C PRO A 106 18.73 -7.38 -10.79
N LEU A 107 18.92 -7.69 -9.51
CA LEU A 107 17.83 -8.19 -8.67
C LEU A 107 17.14 -9.36 -9.37
N ASN A 108 17.93 -10.32 -9.81
CA ASN A 108 17.41 -11.48 -10.53
C ASN A 108 16.77 -12.49 -9.59
N TYR A 109 17.30 -12.56 -8.37
CA TYR A 109 16.85 -13.49 -7.35
C TYR A 109 16.36 -12.73 -6.14
N TRP A 110 15.23 -13.14 -5.57
CA TRP A 110 14.63 -12.48 -4.43
C TRP A 110 14.26 -13.47 -3.35
N GLY A 111 14.29 -13.01 -2.09
CA GLY A 111 13.75 -13.79 -1.00
C GLY A 111 12.26 -13.56 -0.85
N GLN A 112 11.71 -13.94 0.30
CA GLN A 112 10.28 -13.81 0.57
C GLN A 112 9.99 -12.57 1.42
N GLY A 113 11.03 -12.05 2.06
CA GLY A 113 10.91 -10.85 2.88
C GLY A 113 10.78 -11.11 4.36
N THR A 114 11.29 -10.18 5.16
CA THR A 114 11.12 -10.22 6.61
C THR A 114 10.47 -8.90 7.05
N LEU A 115 9.48 -8.97 7.91
CA LEU A 115 8.70 -7.79 8.29
C LEU A 115 9.32 -7.01 9.43
N VAL A 116 9.53 -5.72 9.20
CA VAL A 116 10.04 -4.81 10.23
C VAL A 116 8.96 -3.79 10.57
N THR A 117 8.59 -3.73 11.84
CA THR A 117 7.60 -2.78 12.30
C THR A 117 8.21 -1.87 13.36
N VAL A 118 8.22 -0.58 13.10
CA VAL A 118 8.73 0.40 14.03
C VAL A 118 7.54 1.21 14.52
N SER A 119 7.26 1.12 15.81
CA SER A 119 6.05 1.73 16.38
C SER A 119 6.26 2.16 17.82
N SER A 120 5.68 3.31 18.16
CA SER A 120 5.74 3.80 19.53
C SER A 120 4.46 3.45 20.30
N ALA A 121 3.56 2.71 19.65
CA ALA A 121 2.25 2.44 20.23
C ALA A 121 2.30 1.39 21.34
N SER A 122 1.36 1.50 22.27
CA SER A 122 1.18 0.53 23.33
C SER A 122 -0.20 -0.11 23.21
N THR A 123 -0.37 -1.28 23.83
CA THR A 123 -1.64 -1.99 23.79
C THR A 123 -2.78 -1.10 24.26
N LYS A 124 -3.82 -1.00 23.43
CA LYS A 124 -4.94 -0.14 23.72
C LYS A 124 -6.22 -0.69 23.10
N GLY A 125 -7.27 -0.76 23.90
CA GLY A 125 -8.57 -1.17 23.39
C GLY A 125 -9.26 -0.05 22.64
N PRO A 126 -10.14 -0.41 21.70
CA PRO A 126 -10.80 0.61 20.88
C PRO A 126 -11.94 1.31 21.59
N SER A 127 -12.23 2.53 21.15
CA SER A 127 -13.49 3.17 21.46
C SER A 127 -14.39 2.89 20.28
N VAL A 128 -15.65 2.55 20.54
CA VAL A 128 -16.56 2.20 19.47
C VAL A 128 -17.73 3.17 19.42
N PHE A 129 -18.00 3.72 18.23
CA PHE A 129 -19.04 4.71 18.07
C PHE A 129 -20.02 4.28 16.99
N PRO A 130 -21.32 4.53 17.20
CA PRO A 130 -22.29 4.17 16.18
C PRO A 130 -22.22 5.09 14.97
N LEU A 131 -22.43 4.52 13.79
CA LEU A 131 -22.58 5.29 12.57
C LEU A 131 -24.04 5.17 12.15
N ALA A 132 -24.83 6.16 12.55
CA ALA A 132 -26.28 6.07 12.44
C ALA A 132 -26.76 6.19 11.00
N PRO A 133 -27.78 5.39 10.65
CA PRO A 133 -28.38 5.53 9.32
C PRO A 133 -29.19 6.81 9.26
N SER A 134 -29.22 7.43 8.10
CA SER A 134 -30.01 8.64 7.89
C SER A 134 -30.46 8.68 6.44
N SER A 135 -31.16 9.73 6.06
CA SER A 135 -31.62 9.90 4.68
C SER A 135 -30.44 9.93 3.71
N LYS A 136 -29.28 10.35 4.21
CA LYS A 136 -28.09 10.49 3.38
C LYS A 136 -27.34 9.18 3.18
N SER A 137 -27.57 8.22 4.07
CA SER A 137 -27.01 6.87 3.90
C SER A 137 -28.08 5.91 3.40
N THR A 138 -29.15 6.47 2.83
CA THR A 138 -30.31 5.69 2.39
C THR A 138 -30.62 5.92 0.92
N SER A 139 -30.78 4.83 0.17
CA SER A 139 -31.14 4.91 -1.24
C SER A 139 -31.59 3.54 -1.78
N GLY A 140 -32.55 3.56 -2.70
CA GLY A 140 -33.03 2.35 -3.35
C GLY A 140 -33.65 1.36 -2.39
N GLY A 141 -34.27 1.86 -1.32
CA GLY A 141 -34.93 1.02 -0.35
C GLY A 141 -33.98 0.46 0.69
N THR A 142 -32.69 0.74 0.55
CA THR A 142 -31.71 0.25 1.50
C THR A 142 -31.01 1.40 2.24
N ALA A 143 -30.60 1.12 3.46
CA ALA A 143 -29.85 2.09 4.26
C ALA A 143 -28.56 1.48 4.76
N ALA A 144 -27.51 2.30 4.85
CA ALA A 144 -26.25 1.86 5.43
C ALA A 144 -26.13 2.38 6.84
N LEU A 145 -25.76 1.50 7.77
CA LEU A 145 -25.46 1.90 9.14
C LEU A 145 -24.20 1.15 9.55
N GLY A 146 -23.54 1.60 10.60
CA GLY A 146 -22.29 0.96 10.96
C GLY A 146 -21.75 1.28 12.33
N CYS A 147 -20.52 0.83 12.55
CA CYS A 147 -19.79 1.16 13.77
C CYS A 147 -18.37 1.55 13.43
N LEU A 148 -17.91 2.60 14.07
CA LEU A 148 -16.54 3.06 13.96
C LEU A 148 -15.74 2.49 15.13
N VAL A 149 -14.70 1.74 14.81
CA VAL A 149 -13.83 1.14 15.82
C VAL A 149 -12.52 1.93 15.86
N LYS A 150 -12.38 2.79 16.86
CA LYS A 150 -11.35 3.83 16.82
C LYS A 150 -10.21 3.63 17.80
N ASP A 151 -8.99 3.82 17.30
CA ASP A 151 -7.78 3.97 18.12
C ASP A 151 -7.43 2.74 18.97
N TYR A 152 -7.10 1.64 18.30
CA TYR A 152 -6.68 0.43 19.00
C TYR A 152 -5.31 -0.04 18.54
N PHE A 153 -4.69 -0.87 19.36
CA PHE A 153 -3.39 -1.47 19.04
C PHE A 153 -3.18 -2.68 19.93
N PRO A 154 -2.64 -3.78 19.38
CA PRO A 154 -2.31 -4.01 17.98
C PRO A 154 -3.51 -4.57 17.22
N GLU A 155 -3.33 -4.87 15.95
CA GLU A 155 -4.33 -5.66 15.22
C GLU A 155 -4.31 -7.06 15.83
N PRO A 156 -5.40 -7.83 15.68
CA PRO A 156 -6.64 -7.49 14.96
C PRO A 156 -7.83 -7.28 15.86
N VAL A 157 -8.91 -6.79 15.26
CA VAL A 157 -10.22 -6.77 15.91
C VAL A 157 -11.18 -7.58 15.06
N THR A 158 -12.20 -8.14 15.68
CA THR A 158 -13.28 -8.75 14.92
C THR A 158 -14.59 -8.05 15.24
N VAL A 159 -15.50 -8.03 14.28
CA VAL A 159 -16.79 -7.39 14.43
C VAL A 159 -17.88 -8.34 13.96
N SER A 160 -18.89 -8.51 14.81
CA SER A 160 -20.11 -9.18 14.40
C SER A 160 -21.30 -8.25 14.61
N TRP A 161 -22.45 -8.64 14.08
CA TRP A 161 -23.68 -7.87 14.25
C TRP A 161 -24.76 -8.76 14.85
N ASN A 162 -25.47 -8.22 15.83
CA ASN A 162 -26.54 -8.94 16.53
C ASN A 162 -26.10 -10.33 17.01
N SER A 163 -24.91 -10.37 17.60
CA SER A 163 -24.33 -11.60 18.14
C SER A 163 -24.21 -12.71 17.10
N GLY A 164 -23.96 -12.32 15.86
CA GLY A 164 -23.77 -13.28 14.79
C GLY A 164 -25.03 -13.61 14.00
N ALA A 165 -26.18 -13.12 14.46
CA ALA A 165 -27.44 -13.40 13.77
C ALA A 165 -27.58 -12.61 12.47
N LEU A 166 -26.88 -11.50 12.36
CA LEU A 166 -26.93 -10.69 11.16
C LEU A 166 -25.62 -10.81 10.38
N THR A 167 -25.68 -11.42 9.21
CA THR A 167 -24.49 -11.61 8.40
C THR A 167 -24.63 -11.05 6.98
N SER A 168 -25.84 -11.10 6.45
CA SER A 168 -26.09 -10.58 5.11
C SER A 168 -25.90 -9.07 5.08
N GLY A 169 -25.16 -8.59 4.09
CA GLY A 169 -24.96 -7.17 3.91
C GLY A 169 -23.90 -6.56 4.80
N VAL A 170 -23.17 -7.38 5.53
CA VAL A 170 -22.11 -6.90 6.41
C VAL A 170 -20.80 -6.71 5.66
N HIS A 171 -20.19 -5.55 5.84
CA HIS A 171 -18.89 -5.28 5.23
C HIS A 171 -17.98 -4.62 6.25
N THR A 172 -16.99 -5.36 6.72
CA THR A 172 -16.01 -4.81 7.64
C THR A 172 -14.76 -4.45 6.85
N PHE A 173 -14.40 -3.17 6.89
CA PHE A 173 -13.31 -2.63 6.09
C PHE A 173 -11.97 -2.86 6.76
N PRO A 174 -10.91 -3.04 5.95
CA PRO A 174 -9.55 -3.11 6.50
C PRO A 174 -9.21 -1.83 7.27
N ALA A 175 -8.42 -1.99 8.33
CA ALA A 175 -8.07 -0.89 9.20
C ALA A 175 -7.10 0.08 8.55
N VAL A 176 -7.18 1.34 9.00
CA VAL A 176 -6.18 2.34 8.65
C VAL A 176 -5.19 2.46 9.81
N LEU A 177 -3.91 2.60 9.48
CA LEU A 177 -2.90 2.89 10.47
C LEU A 177 -2.66 4.39 10.53
N GLN A 178 -2.95 5.00 11.68
CA GLN A 178 -2.87 6.44 11.84
C GLN A 178 -1.47 6.89 12.23
N SER A 179 -1.21 8.19 12.14
CA SER A 179 0.08 8.76 12.51
C SER A 179 0.43 8.54 13.97
N SER A 180 -0.60 8.38 14.80
CA SER A 180 -0.44 8.10 16.22
C SER A 180 0.14 6.71 16.47
N GLY A 181 0.08 5.86 15.46
CA GLY A 181 0.49 4.48 15.61
C GLY A 181 -0.67 3.56 15.97
N LEU A 182 -1.85 4.15 16.13
CA LEU A 182 -3.05 3.38 16.46
C LEU A 182 -3.86 3.09 15.19
N TYR A 183 -4.62 2.00 15.23
CA TYR A 183 -5.48 1.62 14.10
C TYR A 183 -6.92 2.06 14.31
N SER A 184 -7.65 2.21 13.21
CA SER A 184 -9.10 2.39 13.24
C SER A 184 -9.71 1.63 12.08
N LEU A 185 -10.91 1.10 12.26
CA LEU A 185 -11.65 0.55 11.14
C LEU A 185 -13.14 0.81 11.28
N SER A 186 -13.89 0.49 10.24
CA SER A 186 -15.34 0.62 10.26
C SER A 186 -15.98 -0.65 9.76
N SER A 187 -17.15 -0.97 10.30
CA SER A 187 -17.95 -2.06 9.82
C SER A 187 -19.31 -1.51 9.48
N VAL A 188 -19.80 -1.80 8.29
CA VAL A 188 -21.13 -1.33 7.91
C VAL A 188 -22.01 -2.49 7.51
N VAL A 189 -23.31 -2.28 7.66
CA VAL A 189 -24.26 -3.25 7.16
C VAL A 189 -25.30 -2.50 6.37
N THR A 190 -25.67 -3.05 5.22
CA THR A 190 -26.75 -2.50 4.41
C THR A 190 -28.02 -3.26 4.76
N VAL A 191 -29.06 -2.53 5.12
CA VAL A 191 -30.31 -3.14 5.55
C VAL A 191 -31.48 -2.48 4.85
N PRO A 192 -32.65 -3.15 4.83
CA PRO A 192 -33.85 -2.48 4.30
C PRO A 192 -34.19 -1.25 5.12
N SER A 193 -34.49 -0.15 4.45
CA SER A 193 -34.85 1.10 5.12
C SER A 193 -36.09 0.92 5.99
N SER A 194 -36.99 0.04 5.56
CA SER A 194 -38.23 -0.23 6.28
C SER A 194 -37.98 -0.89 7.64
N SER A 195 -36.76 -1.40 7.85
CA SER A 195 -36.44 -2.13 9.06
C SER A 195 -35.91 -1.22 10.16
N LEU A 196 -35.66 0.04 9.83
CA LEU A 196 -34.98 0.94 10.75
C LEU A 196 -35.79 1.26 12.01
N GLY A 197 -37.11 1.23 11.91
CA GLY A 197 -37.96 1.51 13.05
C GLY A 197 -38.34 0.27 13.84
N THR A 198 -37.98 -0.89 13.33
CA THR A 198 -38.48 -2.15 13.90
C THR A 198 -37.39 -3.10 14.36
N GLN A 199 -36.26 -3.11 13.66
CA GLN A 199 -35.19 -4.06 13.94
C GLN A 199 -34.06 -3.41 14.72
N THR A 200 -33.66 -4.04 15.82
CA THR A 200 -32.53 -3.56 16.61
C THR A 200 -31.22 -4.00 15.94
N TYR A 201 -30.27 -3.07 15.87
CA TYR A 201 -28.95 -3.37 15.32
C TYR A 201 -27.88 -3.07 16.35
N ILE A 202 -27.07 -4.08 16.67
CA ILE A 202 -26.03 -3.95 17.66
C ILE A 202 -24.75 -4.51 17.07
N CYS A 203 -23.68 -3.73 17.12
CA CYS A 203 -22.39 -4.27 16.68
C CYS A 203 -21.62 -4.79 17.88
N ASN A 204 -20.95 -5.93 17.68
CA ASN A 204 -20.17 -6.58 18.72
C ASN A 204 -18.71 -6.58 18.30
N VAL A 205 -17.90 -5.83 19.03
CA VAL A 205 -16.49 -5.67 18.67
C VAL A 205 -15.63 -6.40 19.68
N ASN A 206 -14.73 -7.24 19.18
CA ASN A 206 -13.81 -7.98 20.03
C ASN A 206 -12.38 -7.56 19.76
N HIS A 207 -11.69 -7.07 20.78
CA HIS A 207 -10.26 -6.80 20.69
C HIS A 207 -9.53 -7.61 21.75
N LYS A 208 -9.30 -8.87 21.44
CA LYS A 208 -8.64 -9.78 22.37
C LYS A 208 -7.25 -9.34 22.86
N PRO A 209 -6.44 -8.69 22.00
CA PRO A 209 -5.12 -8.27 22.51
C PRO A 209 -5.19 -7.43 23.80
N SER A 210 -6.22 -6.60 23.94
CA SER A 210 -6.36 -5.75 25.12
C SER A 210 -7.41 -6.31 26.08
N ASN A 211 -7.96 -7.47 25.75
CA ASN A 211 -9.05 -8.07 26.52
C ASN A 211 -10.26 -7.14 26.65
N THR A 212 -10.62 -6.50 25.53
CA THR A 212 -11.76 -5.58 25.49
C THR A 212 -12.84 -6.12 24.56
N LYS A 213 -14.10 -5.98 24.97
CA LYS A 213 -15.24 -6.27 24.10
C LYS A 213 -16.26 -5.14 24.21
N VAL A 214 -16.83 -4.72 23.08
CA VAL A 214 -17.80 -3.65 23.11
C VAL A 214 -19.06 -4.03 22.35
N ASP A 215 -20.21 -3.74 22.94
CA ASP A 215 -21.49 -3.84 22.23
C ASP A 215 -22.07 -2.45 22.11
N LYS A 216 -22.39 -2.04 20.89
CA LYS A 216 -22.96 -0.72 20.65
C LYS A 216 -24.24 -0.81 19.84
N ARG A 217 -25.32 -0.27 20.40
CA ARG A 217 -26.58 -0.20 19.68
C ARG A 217 -26.51 0.94 18.67
N VAL A 218 -26.96 0.68 17.45
CA VAL A 218 -26.94 1.69 16.40
C VAL A 218 -28.38 2.03 16.02
N GLU A 219 -28.79 3.24 16.35
CA GLU A 219 -30.16 3.68 16.13
C GLU A 219 -30.21 4.78 15.08
N PRO A 220 -31.37 4.92 14.38
CA PRO A 220 -31.54 5.97 13.38
C PRO A 220 -31.28 7.36 13.96
N ASP B 1 12.52 14.98 -1.52
CA ASP B 1 12.40 13.89 -2.48
C ASP B 1 13.73 13.64 -3.19
N SER B 2 13.82 12.54 -3.91
CA SER B 2 15.05 12.16 -4.60
C SER B 2 14.87 12.16 -6.12
N TYR B 3 15.85 11.62 -6.83
CA TYR B 3 15.71 11.40 -8.26
C TYR B 3 14.50 10.50 -8.50
N GLU B 4 13.66 10.89 -9.45
CA GLU B 4 12.33 10.29 -9.56
C GLU B 4 12.03 9.68 -10.93
N LEU B 5 11.45 8.48 -10.91
CA LEU B 5 10.88 7.86 -12.11
C LEU B 5 9.37 7.89 -11.96
N THR B 6 8.69 8.43 -12.97
CA THR B 6 7.25 8.66 -12.88
C THR B 6 6.45 7.68 -13.74
N GLN B 7 5.54 6.94 -13.10
CA GLN B 7 4.67 5.97 -13.77
C GLN B 7 3.21 6.32 -13.53
N PRO B 8 2.33 5.96 -14.48
CA PRO B 8 0.89 6.10 -14.20
C PRO B 8 0.50 5.16 -13.06
N PRO B 9 -0.35 5.63 -12.14
CA PRO B 9 -0.71 4.77 -11.02
C PRO B 9 -1.46 3.51 -11.45
N SER B 10 -2.23 3.60 -12.53
CA SER B 10 -3.09 2.49 -12.95
C SER B 10 -3.28 2.44 -14.47
N VAL B 11 -3.21 1.23 -15.02
CA VAL B 11 -3.53 0.99 -16.42
C VAL B 11 -4.44 -0.22 -16.49
N SER B 12 -5.49 -0.16 -17.31
CA SER B 12 -6.34 -1.32 -17.49
C SER B 12 -6.49 -1.67 -18.97
N VAL B 13 -6.53 -2.97 -19.25
CA VAL B 13 -6.53 -3.49 -20.60
C VAL B 13 -7.50 -4.68 -20.65
N SER B 14 -8.22 -4.83 -21.76
CA SER B 14 -9.03 -6.02 -21.96
C SER B 14 -8.12 -7.15 -22.41
N PRO B 15 -8.49 -8.40 -22.09
CA PRO B 15 -7.68 -9.54 -22.54
C PRO B 15 -7.50 -9.52 -24.06
N GLY B 16 -6.27 -9.71 -24.51
CA GLY B 16 -5.97 -9.72 -25.92
C GLY B 16 -5.58 -8.37 -26.49
N GLN B 17 -5.83 -7.31 -25.73
CA GLN B 17 -5.43 -5.97 -26.15
C GLN B 17 -3.98 -5.69 -25.73
N THR B 18 -3.44 -4.59 -26.23
CA THR B 18 -2.07 -4.21 -25.91
C THR B 18 -2.02 -3.22 -24.75
N ALA B 19 -1.22 -3.54 -23.74
CA ALA B 19 -1.01 -2.65 -22.60
C ALA B 19 0.32 -1.93 -22.76
N ARG B 20 0.32 -0.64 -22.46
CA ARG B 20 1.54 0.14 -22.44
C ARG B 20 1.69 0.83 -21.09
N ILE B 21 2.84 0.65 -20.45
CA ILE B 21 3.12 1.31 -19.20
C ILE B 21 4.37 2.16 -19.36
N THR B 22 4.23 3.45 -19.10
CA THR B 22 5.32 4.39 -19.30
C THR B 22 6.05 4.68 -18.00
N CYS B 23 7.31 5.11 -18.15
CA CYS B 23 8.19 5.42 -17.06
C CYS B 23 9.03 6.61 -17.52
N SER B 24 8.78 7.79 -16.94
CA SER B 24 9.54 8.98 -17.34
C SER B 24 10.62 9.33 -16.31
N GLY B 25 11.81 9.61 -16.81
CA GLY B 25 12.95 9.93 -15.97
C GLY B 25 14.00 10.72 -16.73
N ASP B 26 14.51 11.78 -16.11
CA ASP B 26 15.44 12.69 -16.78
C ASP B 26 16.74 12.02 -17.22
N ALA B 27 17.14 10.95 -16.54
CA ALA B 27 18.43 10.33 -16.84
C ALA B 27 18.32 9.13 -17.77
N LEU B 28 17.10 8.79 -18.20
CA LEU B 28 16.91 7.65 -19.08
C LEU B 28 17.68 7.65 -20.42
N PRO B 29 17.95 8.83 -21.01
CA PRO B 29 18.79 8.79 -22.22
C PRO B 29 20.19 8.20 -21.99
N LYS B 30 20.67 8.21 -20.75
CA LYS B 30 22.04 7.78 -20.47
C LYS B 30 22.12 6.58 -19.52
N ASN B 31 20.97 6.08 -19.08
CA ASN B 31 20.91 5.00 -18.11
C ASN B 31 19.80 4.03 -18.47
N TYR B 32 20.11 2.74 -18.46
CA TYR B 32 19.15 1.71 -18.82
C TYR B 32 17.96 1.65 -17.88
N ALA B 33 16.82 1.26 -18.45
CA ALA B 33 15.62 0.97 -17.68
C ALA B 33 15.44 -0.52 -17.50
N TYR B 34 14.87 -0.91 -16.37
CA TYR B 34 14.62 -2.31 -16.05
C TYR B 34 13.19 -2.37 -15.52
N TRP B 35 12.52 -3.49 -15.75
CA TRP B 35 11.11 -3.62 -15.35
C TRP B 35 10.90 -4.88 -14.51
N TYR B 36 10.15 -4.71 -13.43
CA TYR B 36 9.79 -5.82 -12.54
C TYR B 36 8.28 -5.98 -12.46
N GLN B 37 7.85 -7.23 -12.44
CA GLN B 37 6.45 -7.61 -12.28
C GLN B 37 6.27 -8.15 -10.87
N GLN B 38 5.25 -7.68 -10.16
CA GLN B 38 4.98 -8.19 -8.82
C GLN B 38 3.50 -8.51 -8.65
N LYS B 39 3.20 -9.78 -8.48
CA LYS B 39 1.83 -10.20 -8.20
C LYS B 39 1.57 -10.17 -6.69
N SER B 40 0.30 -10.04 -6.32
CA SER B 40 -0.07 -9.96 -4.91
C SER B 40 0.47 -11.12 -4.10
N GLY B 41 1.12 -10.82 -2.98
CA GLY B 41 1.67 -11.83 -2.11
C GLY B 41 2.95 -12.47 -2.59
N GLN B 42 3.52 -11.96 -3.69
CA GLN B 42 4.75 -12.51 -4.24
C GLN B 42 5.88 -11.49 -4.30
N ALA B 43 7.12 -11.98 -4.38
CA ALA B 43 8.27 -11.11 -4.62
C ALA B 43 8.29 -10.69 -6.08
N PRO B 44 8.95 -9.56 -6.39
CA PRO B 44 9.03 -9.11 -7.78
C PRO B 44 9.84 -10.07 -8.65
N VAL B 45 9.62 -9.99 -9.96
CA VAL B 45 10.33 -10.79 -10.95
C VAL B 45 10.79 -9.86 -12.06
N LEU B 46 12.05 -9.96 -12.46
CA LEU B 46 12.57 -9.17 -13.57
C LEU B 46 11.96 -9.62 -14.90
N VAL B 47 11.37 -8.68 -15.65
CA VAL B 47 10.75 -9.04 -16.93
C VAL B 47 11.42 -8.39 -18.16
N ILE B 48 12.06 -7.24 -17.96
CA ILE B 48 12.82 -6.58 -19.02
C ILE B 48 14.08 -5.97 -18.42
N TYR B 49 15.22 -6.17 -19.08
CA TYR B 49 16.46 -5.52 -18.66
C TYR B 49 17.12 -4.78 -19.81
N GLU B 50 17.93 -3.77 -19.48
CA GLU B 50 18.66 -2.99 -20.47
C GLU B 50 17.73 -2.44 -21.56
N ASP B 51 16.66 -1.78 -21.11
CA ASP B 51 15.65 -1.15 -21.97
C ASP B 51 14.73 -2.13 -22.70
N SER B 52 15.31 -3.15 -23.34
CA SER B 52 14.57 -3.94 -24.32
C SER B 52 14.83 -5.44 -24.30
N LYS B 53 15.69 -5.92 -23.42
CA LYS B 53 16.05 -7.34 -23.41
C LYS B 53 15.14 -8.15 -22.50
N ARG B 54 14.82 -9.36 -22.92
CA ARG B 54 13.94 -10.22 -22.15
C ARG B 54 14.73 -11.36 -21.52
N PRO B 55 14.60 -11.55 -20.20
CA PRO B 55 15.21 -12.71 -19.55
C PRO B 55 14.56 -14.00 -20.02
N SER B 56 15.26 -15.13 -19.86
CA SER B 56 14.70 -16.43 -20.17
C SER B 56 13.46 -16.68 -19.30
N GLY B 57 12.45 -17.32 -19.89
CA GLY B 57 11.23 -17.62 -19.14
C GLY B 57 10.17 -16.55 -19.22
N ILE B 58 10.52 -15.40 -19.78
CA ILE B 58 9.56 -14.32 -19.96
C ILE B 58 8.97 -14.40 -21.38
N PRO B 59 7.63 -14.47 -21.47
CA PRO B 59 6.93 -14.62 -22.75
C PRO B 59 7.24 -13.50 -23.73
N GLU B 60 7.23 -13.83 -25.02
CA GLU B 60 7.58 -12.87 -26.07
C GLU B 60 6.61 -11.69 -26.18
N ARG B 61 5.45 -11.80 -25.57
CA ARG B 61 4.47 -10.71 -25.60
C ARG B 61 4.95 -9.50 -24.80
N PHE B 62 5.93 -9.71 -23.92
CA PHE B 62 6.56 -8.61 -23.19
C PHE B 62 7.68 -7.99 -24.01
N SER B 63 7.65 -6.66 -24.14
CA SER B 63 8.74 -5.96 -24.81
C SER B 63 8.99 -4.63 -24.14
N GLY B 64 10.17 -4.05 -24.38
CA GLY B 64 10.51 -2.78 -23.79
C GLY B 64 11.18 -1.86 -24.80
N SER B 65 11.01 -0.57 -24.58
CA SER B 65 11.67 0.44 -25.40
C SER B 65 12.01 1.65 -24.54
N SER B 66 12.93 2.48 -25.01
CA SER B 66 13.24 3.72 -24.32
C SER B 66 13.64 4.77 -25.35
N SER B 67 12.99 5.92 -25.29
CA SER B 67 13.30 7.03 -26.19
C SER B 67 13.26 8.33 -25.42
N GLY B 68 14.31 9.13 -25.53
CA GLY B 68 14.42 10.34 -24.74
C GLY B 68 14.26 10.05 -23.27
N THR B 69 13.36 10.78 -22.61
CA THR B 69 13.19 10.62 -21.18
C THR B 69 12.05 9.68 -20.81
N MET B 70 11.64 8.81 -21.73
CA MET B 70 10.56 7.88 -21.44
C MET B 70 10.87 6.44 -21.83
N ALA B 71 10.71 5.53 -20.87
CA ALA B 71 10.78 4.11 -21.15
C ALA B 71 9.37 3.53 -21.14
N THR B 72 9.13 2.54 -21.98
CA THR B 72 7.81 1.92 -22.06
C THR B 72 7.90 0.41 -22.01
N LEU B 73 7.06 -0.17 -21.16
CA LEU B 73 6.87 -1.61 -21.14
C LEU B 73 5.60 -1.89 -21.93
N THR B 74 5.70 -2.75 -22.92
CA THR B 74 4.55 -3.11 -23.74
C THR B 74 4.23 -4.58 -23.56
N ILE B 75 2.96 -4.88 -23.31
CA ILE B 75 2.48 -6.26 -23.29
C ILE B 75 1.46 -6.42 -24.40
N SER B 76 1.86 -7.09 -25.47
CA SER B 76 1.00 -7.22 -26.65
C SER B 76 0.16 -8.49 -26.57
N GLY B 77 -1.15 -8.33 -26.49
CA GLY B 77 -2.04 -9.47 -26.33
C GLY B 77 -2.06 -9.88 -24.87
N ALA B 78 -2.45 -8.94 -24.01
CA ALA B 78 -2.42 -9.15 -22.56
C ALA B 78 -3.25 -10.37 -22.14
N GLN B 79 -2.66 -11.18 -21.27
CA GLN B 79 -3.34 -12.35 -20.73
C GLN B 79 -3.70 -12.07 -19.28
N VAL B 80 -4.71 -12.76 -18.75
CA VAL B 80 -5.14 -12.49 -17.38
C VAL B 80 -4.03 -12.71 -16.34
N GLU B 81 -3.12 -13.64 -16.62
CA GLU B 81 -2.00 -13.89 -15.72
C GLU B 81 -0.99 -12.73 -15.69
N ASP B 82 -1.15 -11.77 -16.59
CA ASP B 82 -0.28 -10.59 -16.64
C ASP B 82 -0.71 -9.50 -15.66
N GLU B 83 -1.87 -9.69 -15.03
CA GLU B 83 -2.32 -8.72 -14.05
C GLU B 83 -1.35 -8.72 -12.86
N ALA B 84 -0.83 -7.54 -12.54
CA ALA B 84 0.25 -7.40 -11.57
C ALA B 84 0.56 -5.93 -11.40
N ASP B 85 1.41 -5.62 -10.41
CA ASP B 85 2.01 -4.30 -10.31
C ASP B 85 3.34 -4.34 -11.06
N TYR B 86 3.60 -3.30 -11.83
CA TYR B 86 4.84 -3.21 -12.59
C TYR B 86 5.66 -2.01 -12.14
N TYR B 87 6.96 -2.22 -12.00
CA TYR B 87 7.87 -1.18 -11.55
C TYR B 87 9.03 -1.01 -12.52
N CYS B 88 9.29 0.24 -12.89
CA CYS B 88 10.52 0.49 -13.61
CA CYS B 88 10.48 0.64 -13.62
C CYS B 88 11.61 0.83 -12.60
N TYR B 89 12.86 0.63 -13.02
CA TYR B 89 14.02 0.74 -12.14
C TYR B 89 15.19 1.27 -12.95
N SER B 90 15.91 2.24 -12.42
CA SER B 90 17.04 2.82 -13.13
C SER B 90 17.93 3.59 -12.17
N THR B 91 19.00 4.16 -12.69
CA THR B 91 19.92 4.96 -11.89
C THR B 91 20.13 6.32 -12.54
N ASP B 92 20.60 7.30 -11.78
CA ASP B 92 21.05 8.53 -12.41
C ASP B 92 22.51 8.37 -12.87
N SER B 93 22.99 9.31 -13.69
CA SER B 93 24.30 9.16 -14.31
C SER B 93 25.45 9.10 -13.30
N SER B 94 25.32 9.82 -12.20
CA SER B 94 26.33 9.86 -11.16
C SER B 94 26.43 8.52 -10.43
N GLY B 95 25.37 7.71 -10.53
CA GLY B 95 25.28 6.47 -9.79
C GLY B 95 25.01 6.70 -8.31
N ASN B 96 24.58 7.90 -7.95
CA ASN B 96 24.25 8.22 -6.57
C ASN B 96 22.92 7.62 -6.13
N HIS B 97 22.02 7.38 -7.08
CA HIS B 97 20.68 6.92 -6.75
C HIS B 97 20.26 5.76 -7.63
N ARG B 98 19.73 4.73 -6.99
CA ARG B 98 19.05 3.66 -7.70
C ARG B 98 17.61 3.70 -7.24
N VAL B 99 16.70 3.98 -8.17
CA VAL B 99 15.32 4.24 -7.79
C VAL B 99 14.32 3.45 -8.62
N PHE B 100 13.24 3.06 -7.96
CA PHE B 100 12.08 2.46 -8.61
C PHE B 100 11.07 3.55 -8.91
N GLY B 101 10.31 3.38 -9.98
CA GLY B 101 9.14 4.19 -10.19
C GLY B 101 8.11 3.87 -9.10
N GLY B 102 7.06 4.68 -9.01
CA GLY B 102 6.05 4.47 -7.99
C GLY B 102 5.20 3.24 -8.20
N GLY B 103 5.31 2.62 -9.37
CA GLY B 103 4.56 1.40 -9.66
C GLY B 103 3.28 1.68 -10.42
N THR B 104 2.91 0.74 -11.27
CA THR B 104 1.65 0.82 -12.00
C THR B 104 0.86 -0.45 -11.75
N LYS B 105 -0.38 -0.30 -11.28
CA LYS B 105 -1.28 -1.44 -11.16
C LYS B 105 -1.88 -1.73 -12.53
N LEU B 106 -1.50 -2.85 -13.12
CA LEU B 106 -2.07 -3.28 -14.39
C LEU B 106 -3.22 -4.24 -14.14
N THR B 107 -4.42 -3.81 -14.50
CA THR B 107 -5.58 -4.68 -14.41
C THR B 107 -5.88 -5.25 -15.79
N VAL B 108 -5.94 -6.57 -15.90
CA VAL B 108 -6.44 -7.19 -17.11
C VAL B 108 -7.90 -7.51 -16.84
N LEU B 109 -8.77 -6.75 -17.49
CA LEU B 109 -10.18 -6.68 -17.10
C LEU B 109 -10.90 -8.03 -17.17
N GLY B 110 -11.49 -8.44 -16.06
CA GLY B 110 -12.17 -9.72 -15.98
C GLY B 110 -13.63 -9.60 -15.62
N GLN B 111 -14.12 -8.36 -15.57
CA GLN B 111 -15.51 -8.07 -15.27
C GLN B 111 -15.73 -6.61 -15.68
N PRO B 112 -16.99 -6.16 -15.75
CA PRO B 112 -17.20 -4.77 -16.18
C PRO B 112 -16.61 -3.78 -15.19
N LYS B 113 -16.16 -2.64 -15.70
CA LYS B 113 -15.75 -1.56 -14.82
C LYS B 113 -16.93 -1.14 -13.95
N ALA B 114 -16.65 -0.78 -12.71
CA ALA B 114 -17.70 -0.50 -11.74
C ALA B 114 -17.33 0.69 -10.87
N ALA B 115 -18.23 1.67 -10.83
CA ALA B 115 -18.00 2.87 -10.02
C ALA B 115 -18.19 2.55 -8.55
N PRO B 116 -17.46 3.25 -7.68
CA PRO B 116 -17.58 2.96 -6.25
C PRO B 116 -18.90 3.41 -5.63
N SER B 117 -19.33 2.66 -4.62
CA SER B 117 -20.40 3.08 -3.73
C SER B 117 -19.73 3.84 -2.61
N VAL B 118 -20.18 5.07 -2.37
CA VAL B 118 -19.55 5.93 -1.37
C VAL B 118 -20.55 6.37 -0.32
N THR B 119 -20.20 6.17 0.94
CA THR B 119 -21.03 6.65 2.04
C THR B 119 -20.15 7.46 2.99
N LEU B 120 -20.62 8.66 3.30
CA LEU B 120 -19.90 9.52 4.24
C LEU B 120 -20.72 9.69 5.53
N PHE B 121 -20.11 9.32 6.65
CA PHE B 121 -20.75 9.50 7.94
C PHE B 121 -20.15 10.69 8.70
N PRO B 122 -21.01 11.48 9.34
CA PRO B 122 -20.54 12.56 10.21
C PRO B 122 -20.12 12.01 11.56
N PRO B 123 -19.43 12.83 12.38
CA PRO B 123 -19.14 12.43 13.76
C PRO B 123 -20.43 12.09 14.51
N SER B 124 -20.41 11.01 15.29
CA SER B 124 -21.55 10.62 16.10
C SER B 124 -21.66 11.50 17.35
N SER B 125 -22.86 11.59 17.91
CA SER B 125 -23.04 12.31 19.17
C SER B 125 -22.16 11.72 20.25
N GLU B 126 -22.03 10.39 20.24
CA GLU B 126 -21.22 9.70 21.25
C GLU B 126 -19.74 10.11 21.15
N GLU B 127 -19.22 10.23 19.93
CA GLU B 127 -17.82 10.61 19.77
C GLU B 127 -17.60 12.05 20.23
N LEU B 128 -18.52 12.93 19.86
CA LEU B 128 -18.44 14.32 20.32
C LEU B 128 -18.46 14.41 21.85
N GLN B 129 -19.20 13.51 22.49
CA GLN B 129 -19.27 13.47 23.96
C GLN B 129 -17.99 12.92 24.57
N ALA B 130 -17.12 12.36 23.73
CA ALA B 130 -15.80 11.93 24.18
C ALA B 130 -14.75 12.97 23.77
N ASN B 131 -15.23 14.15 23.37
CA ASN B 131 -14.39 15.26 22.94
C ASN B 131 -13.55 14.94 21.71
N LYS B 132 -14.13 14.17 20.80
CA LYS B 132 -13.46 13.80 19.56
C LYS B 132 -14.43 13.93 18.39
N ALA B 133 -13.88 13.92 17.18
CA ALA B 133 -14.71 13.97 15.98
C ALA B 133 -13.98 13.34 14.82
N THR B 134 -14.65 12.40 14.16
CA THR B 134 -14.10 11.74 12.99
C THR B 134 -15.14 11.66 11.90
N LEU B 135 -14.79 12.10 10.70
CA LEU B 135 -15.61 11.85 9.53
C LEU B 135 -15.13 10.59 8.83
N VAL B 136 -16.08 9.77 8.38
CA VAL B 136 -15.77 8.45 7.86
C VAL B 136 -16.30 8.31 6.43
N CYS B 137 -15.39 8.17 5.48
CA CYS B 137 -15.75 8.04 4.07
C CYS B 137 -15.43 6.61 3.61
N LEU B 138 -16.49 5.83 3.36
CA LEU B 138 -16.36 4.42 3.04
C LEU B 138 -16.63 4.19 1.56
N ILE B 139 -15.73 3.47 0.91
CA ILE B 139 -15.72 3.35 -0.54
C ILE B 139 -15.66 1.87 -0.91
N SER B 140 -16.66 1.38 -1.61
CA SER B 140 -16.68 -0.05 -1.89
C SER B 140 -17.17 -0.41 -3.29
N ASP B 141 -16.96 -1.67 -3.66
CA ASP B 141 -17.46 -2.22 -4.91
C ASP B 141 -16.98 -1.48 -6.16
N PHE B 142 -15.73 -1.02 -6.14
CA PHE B 142 -15.17 -0.42 -7.35
C PHE B 142 -14.18 -1.33 -8.08
N TYR B 143 -14.10 -1.15 -9.40
CA TYR B 143 -13.22 -1.94 -10.25
C TYR B 143 -12.97 -1.15 -11.52
N PRO B 144 -11.69 -1.01 -11.93
CA PRO B 144 -10.47 -1.53 -11.32
C PRO B 144 -10.17 -0.92 -9.95
N GLY B 145 -9.25 -1.55 -9.22
CA GLY B 145 -8.97 -1.18 -7.85
C GLY B 145 -7.98 -0.04 -7.67
N ALA B 146 -8.36 1.13 -8.14
CA ALA B 146 -7.54 2.32 -8.00
C ALA B 146 -8.46 3.50 -7.76
N VAL B 147 -8.16 4.28 -6.72
CA VAL B 147 -9.01 5.40 -6.36
C VAL B 147 -8.16 6.47 -5.69
N THR B 148 -8.59 7.73 -5.77
CA THR B 148 -7.99 8.77 -4.95
C THR B 148 -9.08 9.49 -4.18
N VAL B 149 -8.71 10.01 -3.01
CA VAL B 149 -9.67 10.66 -2.12
C VAL B 149 -9.16 12.02 -1.70
N ALA B 150 -10.03 13.02 -1.76
CA ALA B 150 -9.71 14.36 -1.28
C ALA B 150 -10.83 14.86 -0.38
N TRP B 151 -10.51 15.80 0.49
CA TRP B 151 -11.49 16.33 1.44
C TRP B 151 -11.60 17.85 1.33
N LYS B 152 -12.77 18.37 1.67
CA LYS B 152 -12.97 19.81 1.75
C LYS B 152 -13.67 20.19 3.04
N ALA B 153 -13.31 21.36 3.55
CA ALA B 153 -14.05 22.00 4.64
C ALA B 153 -14.74 23.19 4.00
N ASP B 154 -16.06 23.18 4.00
CA ASP B 154 -16.84 24.07 3.13
C ASP B 154 -16.38 23.87 1.69
N SER B 155 -15.80 24.90 1.10
CA SER B 155 -15.33 24.81 -0.29
C SER B 155 -13.81 24.70 -0.41
N SER B 156 -13.13 24.65 0.73
CA SER B 156 -11.66 24.69 0.73
C SER B 156 -11.05 23.31 0.97
N PRO B 157 -10.01 22.97 0.21
CA PRO B 157 -9.34 21.69 0.40
C PRO B 157 -8.69 21.57 1.77
N VAL B 158 -8.75 20.38 2.36
CA VAL B 158 -8.11 20.12 3.64
C VAL B 158 -7.31 18.81 3.58
N LYS B 159 -6.10 18.83 4.12
CA LYS B 159 -5.26 17.64 4.13
C LYS B 159 -4.90 17.19 5.55
N ALA B 160 -4.88 18.13 6.49
CA ALA B 160 -4.55 17.82 7.88
C ALA B 160 -5.61 16.92 8.50
N GLY B 161 -5.17 15.89 9.20
CA GLY B 161 -6.08 14.97 9.88
C GLY B 161 -6.65 13.88 8.99
N VAL B 162 -6.19 13.81 7.74
CA VAL B 162 -6.68 12.82 6.80
C VAL B 162 -5.83 11.55 6.81
N GLU B 163 -6.49 10.40 6.95
CA GLU B 163 -5.84 9.09 6.84
C GLU B 163 -6.65 8.22 5.88
N THR B 164 -5.99 7.69 4.85
CA THR B 164 -6.67 6.95 3.80
C THR B 164 -5.98 5.60 3.57
N THR B 165 -6.77 4.54 3.47
CA THR B 165 -6.20 3.22 3.18
C THR B 165 -5.92 3.04 1.70
N THR B 166 -5.01 2.12 1.39
CA THR B 166 -4.85 1.67 0.02
C THR B 166 -5.99 0.71 -0.28
N PRO B 167 -6.39 0.61 -1.56
CA PRO B 167 -7.49 -0.30 -1.93
C PRO B 167 -7.17 -1.76 -1.61
N SER B 168 -8.18 -2.49 -1.16
CA SER B 168 -8.04 -3.91 -0.87
C SER B 168 -9.10 -4.69 -1.63
N LYS B 169 -8.72 -5.87 -2.12
CA LYS B 169 -9.65 -6.69 -2.87
C LYS B 169 -10.72 -7.28 -1.95
N GLN B 170 -11.97 -7.14 -2.36
CA GLN B 170 -13.11 -7.77 -1.68
C GLN B 170 -13.27 -9.22 -2.12
N SER B 171 -14.11 -9.96 -1.40
CA SER B 171 -14.41 -11.34 -1.75
C SER B 171 -15.03 -11.47 -3.16
N ASN B 172 -15.68 -10.42 -3.63
CA ASN B 172 -16.31 -10.44 -4.96
C ASN B 172 -15.42 -9.89 -6.08
N ASN B 173 -14.14 -9.72 -5.77
CA ASN B 173 -13.13 -9.27 -6.73
C ASN B 173 -13.17 -7.77 -7.08
N LYS B 174 -14.15 -7.06 -6.55
CA LYS B 174 -14.12 -5.61 -6.59
C LYS B 174 -13.29 -5.14 -5.40
N TYR B 175 -13.15 -3.83 -5.23
CA TYR B 175 -12.24 -3.27 -4.23
C TYR B 175 -12.93 -2.37 -3.23
N ALA B 176 -12.27 -2.20 -2.08
CA ALA B 176 -12.74 -1.34 -1.01
C ALA B 176 -11.61 -0.46 -0.48
N ALA B 177 -11.98 0.72 0.00
CA ALA B 177 -11.03 1.60 0.67
C ALA B 177 -11.80 2.48 1.64
N SER B 178 -11.07 3.14 2.54
CA SER B 178 -11.73 4.06 3.46
C SER B 178 -10.83 5.25 3.73
N SER B 179 -11.45 6.36 4.07
CA SER B 179 -10.70 7.55 4.42
C SER B 179 -11.34 8.20 5.63
N TYR B 180 -10.50 8.69 6.52
CA TYR B 180 -10.95 9.27 7.77
C TYR B 180 -10.40 10.68 7.90
N LEU B 181 -11.25 11.59 8.35
CA LEU B 181 -10.80 12.95 8.65
C LEU B 181 -11.05 13.20 10.14
N SER B 182 -9.96 13.39 10.89
CA SER B 182 -10.06 13.67 12.32
C SER B 182 -10.10 15.18 12.55
N LEU B 183 -11.06 15.62 13.35
CA LEU B 183 -11.23 17.04 13.67
C LEU B 183 -11.51 17.20 15.15
N THR B 184 -11.39 18.42 15.65
CA THR B 184 -11.90 18.73 16.98
C THR B 184 -13.40 18.96 16.86
N PRO B 185 -14.15 18.75 17.94
CA PRO B 185 -15.59 19.06 17.90
C PRO B 185 -15.85 20.51 17.50
N GLU B 186 -14.99 21.43 17.94
CA GLU B 186 -15.17 22.84 17.60
C GLU B 186 -15.03 23.08 16.09
N GLN B 187 -14.07 22.41 15.47
CA GLN B 187 -13.88 22.54 14.02
C GLN B 187 -15.09 22.00 13.26
N TRP B 188 -15.58 20.85 13.68
CA TRP B 188 -16.76 20.25 13.06
C TRP B 188 -17.97 21.18 13.14
N LYS B 189 -18.20 21.77 14.32
CA LYS B 189 -19.38 22.60 14.50
C LYS B 189 -19.22 24.01 13.92
N SER B 190 -18.00 24.37 13.53
CA SER B 190 -17.75 25.73 13.04
C SER B 190 -17.91 25.89 11.52
N HIS B 191 -17.88 24.79 10.79
CA HIS B 191 -18.03 24.84 9.34
C HIS B 191 -19.45 24.49 8.90
N ARG B 192 -19.88 25.03 7.77
CA ARG B 192 -21.22 24.73 7.25
C ARG B 192 -21.31 23.29 6.77
N SER B 193 -20.22 22.77 6.22
CA SER B 193 -20.19 21.38 5.79
C SER B 193 -18.76 20.87 5.59
N TYR B 194 -18.65 19.56 5.48
CA TYR B 194 -17.41 18.91 5.05
C TYR B 194 -17.76 17.95 3.93
N SER B 195 -16.80 17.72 3.03
CA SER B 195 -17.03 16.83 1.90
C SER B 195 -15.89 15.86 1.68
N CYS B 196 -16.24 14.67 1.22
CA CYS B 196 -15.28 13.67 0.75
CA CYS B 196 -15.22 13.76 0.73
C CYS B 196 -15.46 13.53 -0.77
N GLN B 197 -14.37 13.63 -1.53
CA GLN B 197 -14.41 13.51 -2.98
C GLN B 197 -13.65 12.27 -3.40
N VAL B 198 -14.32 11.37 -4.09
CA VAL B 198 -13.74 10.09 -4.46
C VAL B 198 -13.63 10.00 -5.98
N THR B 199 -12.41 9.86 -6.47
CA THR B 199 -12.15 9.82 -7.91
C THR B 199 -11.76 8.42 -8.36
N HIS B 200 -12.48 7.92 -9.37
CA HIS B 200 -12.26 6.60 -9.92
C HIS B 200 -12.40 6.71 -11.43
N GLU B 201 -11.35 6.35 -12.15
CA GLU B 201 -11.38 6.36 -13.62
C GLU B 201 -11.80 7.73 -14.16
N GLY B 202 -11.30 8.79 -13.53
CA GLY B 202 -11.58 10.15 -13.97
C GLY B 202 -12.91 10.72 -13.49
N SER B 203 -13.70 9.90 -12.82
CA SER B 203 -15.02 10.32 -12.35
C SER B 203 -14.98 10.60 -10.86
N THR B 204 -15.33 11.83 -10.47
CA THR B 204 -15.29 12.21 -9.06
C THR B 204 -16.69 12.38 -8.50
N VAL B 205 -16.98 11.63 -7.44
CA VAL B 205 -18.24 11.79 -6.72
C VAL B 205 -17.98 12.49 -5.38
N GLU B 206 -18.79 13.48 -5.07
CA GLU B 206 -18.64 14.22 -3.82
C GLU B 206 -19.82 13.95 -2.90
N LYS B 207 -19.52 13.55 -1.66
CA LYS B 207 -20.53 13.40 -0.63
C LYS B 207 -20.27 14.46 0.43
N THR B 208 -21.34 15.00 1.00
CA THR B 208 -21.21 16.08 1.97
C THR B 208 -22.01 15.79 3.22
N VAL B 209 -21.50 16.23 4.37
CA VAL B 209 -22.27 16.18 5.61
C VAL B 209 -22.16 17.52 6.33
N ALA B 210 -23.13 17.78 7.20
CA ALA B 210 -23.18 19.06 7.92
C ALA B 210 -23.61 18.81 9.36
N PRO B 211 -23.10 19.64 10.29
CA PRO B 211 -23.44 19.45 11.71
C PRO B 211 -24.91 19.79 12.01
N THR B 212 -25.56 20.51 11.11
CA THR B 212 -26.96 20.89 11.31
C THR B 212 -27.91 19.81 10.81
N GLU B 213 -27.37 18.74 10.27
CA GLU B 213 -28.20 17.66 9.73
C GLU B 213 -28.65 16.70 10.81
N LYS C 5 27.49 3.42 -24.62
CA LYS C 5 26.12 2.92 -24.48
C LYS C 5 25.37 3.70 -23.41
N LYS C 6 24.64 2.99 -22.57
CA LYS C 6 24.02 3.56 -21.39
C LYS C 6 24.61 2.88 -20.16
N GLN C 7 24.46 3.49 -18.99
CA GLN C 7 24.95 2.90 -17.76
C GLN C 7 23.98 1.86 -17.23
N LYS C 8 24.51 0.73 -16.79
CA LYS C 8 23.71 -0.31 -16.16
C LYS C 8 23.43 0.08 -14.70
N VAL C 9 22.30 -0.38 -14.17
CA VAL C 9 21.77 0.17 -12.93
C VAL C 9 22.67 -0.10 -11.71
N HIS C 10 23.38 -1.22 -11.73
CA HIS C 10 24.28 -1.56 -10.61
C HIS C 10 25.76 -1.48 -10.98
N ALA C 11 26.08 -0.66 -11.98
CA ALA C 11 27.45 -0.56 -12.50
C ALA C 11 28.51 -0.34 -11.43
N LEU C 12 28.18 0.48 -10.43
CA LEU C 12 29.15 0.83 -9.39
C LEU C 12 29.67 -0.38 -8.60
N PHE C 13 28.89 -1.45 -8.56
CA PHE C 13 29.28 -2.63 -7.81
C PHE C 13 30.20 -3.58 -8.57
N TYR C 14 30.53 -3.22 -9.81
CA TYR C 14 31.33 -4.09 -10.67
C TYR C 14 32.54 -3.38 -11.26
N LYS C 15 32.69 -2.10 -10.94
CA LYS C 15 33.83 -1.31 -11.38
C LYS C 15 35.16 -1.94 -10.98
C1 GOL D . -19.98 1.82 1.69
O1 GOL D . -18.93 1.84 0.75
C2 GOL D . -21.31 1.69 0.95
O2 GOL D . -21.60 2.91 0.32
C3 GOL D . -22.40 1.34 1.96
O3 GOL D . -23.59 1.01 1.27
C1 GOL E . -8.65 -10.59 -13.52
O1 GOL E . -9.26 -10.54 -14.80
C2 GOL E . -9.39 -9.73 -12.51
O2 GOL E . -9.03 -8.37 -12.72
C3 GOL E . -10.90 -9.89 -12.66
O3 GOL E . -11.58 -9.26 -11.59
#